data_6AG9
#
_entry.id   6AG9
#
_cell.length_a   120.560
_cell.length_b   120.560
_cell.length_c   42.350
_cell.angle_alpha   90.000
_cell.angle_beta   90.000
_cell.angle_gamma   120.000
#
_symmetry.space_group_name_H-M   'H 3'
#
loop_
_entity.id
_entity.type
_entity.pdbx_description
1 polymer 'Urokinase-type plasminogen activator'
2 non-polymer 3,5-bis(azanyl)-6-(1-benzofuran-2-yl)-N-carbamimidoyl-pyrazine-2-carboxamide
3 non-polymer 'SULFATE ION'
4 water water
#
_entity_poly.entity_id   1
_entity_poly.type   'polypeptide(L)'
_entity_poly.pdbx_seq_one_letter_code
;IIGGEFTTIENQPWFAAIYRRHRGGSVTYVCGGSLISPCWVISATHCFIDYPKKEDYIVYLGRSRLNSNTQGEMKFEVEN
LILHKDYSADTLAHHNDIALLKIRSKEGRCAQPSRTIQTIALPSMYNDPQFGTSCEITGFGKEQSTDYLYPEQLKMTVVK
LISHRECQQPHYYGSEVTTKMLCAADPQWKTDSCQGDSGGPLVCSLQGRMTLTGIVSWGRGCALKDKPGVYTRVSHFLPW
IRSHTKEENGLAL
;
_entity_poly.pdbx_strand_id   U
#
loop_
_chem_comp.id
_chem_comp.type
_chem_comp.name
_chem_comp.formula
9XF non-polymer 3,5-bis(azanyl)-6-(1-benzofuran-2-yl)-N-carbamimidoyl-pyrazine-2-carboxamide 'C14 H13 N7 O2'
SO4 non-polymer 'SULFATE ION' 'O4 S -2'
#
# COMPACT_ATOMS: atom_id res chain seq x y z
N ILE A 1 7.69 -5.98 5.40
CA ILE A 1 7.99 -7.03 4.44
C ILE A 1 8.81 -8.14 5.10
N ILE A 2 8.26 -9.35 5.10
CA ILE A 2 8.96 -10.54 5.55
C ILE A 2 9.82 -11.04 4.41
N GLY A 3 11.10 -11.26 4.69
CA GLY A 3 11.95 -11.70 3.60
C GLY A 3 12.23 -10.59 2.60
N GLY A 4 12.39 -10.98 1.34
CA GLY A 4 12.63 -9.97 0.33
C GLY A 4 14.02 -9.38 0.45
N GLU A 5 14.13 -8.14 0.00
CA GLU A 5 15.42 -7.48 -0.08
C GLU A 5 15.25 -6.02 0.30
N PHE A 6 16.32 -5.43 0.81
CA PHE A 6 16.30 -3.99 0.96
C PHE A 6 16.40 -3.33 -0.41
N THR A 7 15.88 -2.12 -0.48
CA THR A 7 15.80 -1.40 -1.74
C THR A 7 15.90 0.09 -1.41
N THR A 8 15.88 0.92 -2.45
CA THR A 8 15.86 2.36 -2.28
C THR A 8 14.71 2.90 -3.11
N ILE A 9 14.36 4.16 -2.85
CA ILE A 9 13.15 4.71 -3.45
C ILE A 9 13.24 4.79 -4.98
N GLU A 10 14.45 4.87 -5.56
CA GLU A 10 14.57 4.89 -7.01
C GLU A 10 13.91 3.67 -7.66
N ASN A 11 13.89 2.53 -6.96
CA ASN A 11 13.30 1.33 -7.52
C ASN A 11 11.79 1.36 -7.49
N GLN A 12 11.20 2.08 -6.54
CA GLN A 12 9.75 2.18 -6.39
C GLN A 12 9.37 3.63 -6.16
N PRO A 13 9.60 4.50 -7.15
CA PRO A 13 9.58 5.95 -6.89
C PRO A 13 8.19 6.52 -6.69
N TRP A 14 7.15 5.72 -6.86
CA TRP A 14 5.79 6.11 -6.52
C TRP A 14 5.46 5.87 -5.06
N PHE A 15 6.35 5.23 -4.30
CA PHE A 15 6.02 4.86 -2.92
C PHE A 15 5.95 6.10 -2.04
N ALA A 16 4.85 6.22 -1.28
CA ALA A 16 4.63 7.31 -0.36
C ALA A 16 4.69 6.78 1.06
N ALA A 17 5.35 7.54 1.94
CA ALA A 17 5.47 7.20 3.35
C ALA A 17 4.59 8.14 4.16
N ILE A 18 3.63 7.58 4.90
CA ILE A 18 2.60 8.39 5.59
C ILE A 18 2.79 8.28 7.09
N TYR A 19 2.88 9.44 7.75
CA TYR A 19 3.12 9.53 9.19
C TYR A 19 2.00 10.34 9.86
N ARG A 20 1.89 10.19 11.17
CA ARG A 20 0.90 10.93 11.95
C ARG A 20 1.57 11.73 13.05
N ARG A 21 1.10 12.96 13.24
CA ARG A 21 1.51 13.80 14.36
C ARG A 21 0.71 13.47 15.61
N HIS A 22 1.39 13.40 16.74
CA HIS A 22 0.71 13.18 18.01
C HIS A 22 0.59 14.47 18.81
N ARG A 23 -0.35 14.47 19.74
CA ARG A 23 -0.46 15.52 20.74
C ARG A 23 0.82 15.49 21.58
N GLY A 24 1.60 16.56 21.52
CA GLY A 24 2.91 16.55 22.14
C GLY A 24 4.06 16.54 21.16
N GLY A 25 3.78 16.48 19.86
CA GLY A 25 4.77 16.72 18.84
C GLY A 25 5.39 15.49 18.21
N SER A 26 5.31 14.33 18.85
CA SER A 26 5.96 13.16 18.28
C SER A 26 5.25 12.72 17.01
N VAL A 27 6.03 12.13 16.10
CA VAL A 27 5.56 11.70 14.79
C VAL A 27 5.90 10.23 14.61
N THR A 28 4.91 9.42 14.21
CA THR A 28 5.08 7.98 14.06
C THR A 28 4.63 7.55 12.66
N TYR A 29 5.23 6.47 12.17
CA TYR A 29 4.84 5.95 10.87
C TYR A 29 3.45 5.33 10.93
N VAL A 30 2.66 5.54 9.88
CA VAL A 30 1.29 5.01 9.79
C VAL A 30 1.21 3.89 8.76
N CYS A 31 1.48 4.20 7.49
CA CYS A 31 1.19 3.27 6.41
C CYS A 31 1.94 3.74 5.16
N GLY A 32 1.94 2.89 4.16
CA GLY A 32 2.39 3.28 2.85
C GLY A 32 1.26 3.80 1.96
N GLY A 33 1.64 4.24 0.77
CA GLY A 33 0.73 4.72 -0.24
C GLY A 33 1.45 4.74 -1.58
N SER A 34 0.71 5.11 -2.64
CA SER A 34 1.28 5.21 -3.98
C SER A 34 0.86 6.51 -4.66
N LEU A 35 1.81 7.19 -5.27
CA LEU A 35 1.53 8.43 -6.01
C LEU A 35 0.91 8.07 -7.36
N ILE A 36 -0.35 8.45 -7.58
CA ILE A 36 -0.99 8.16 -8.85
C ILE A 36 -1.17 9.39 -9.72
N SER A 37 -1.00 10.58 -9.17
CA SER A 37 -0.84 11.81 -9.95
C SER A 37 -0.10 12.80 -9.07
N PRO A 38 0.37 13.92 -9.63
CA PRO A 38 1.17 14.85 -8.82
C PRO A 38 0.54 15.25 -7.50
N CYS A 39 -0.80 15.36 -7.43
CA CYS A 39 -1.44 15.80 -6.19
C CYS A 39 -2.13 14.69 -5.42
N TRP A 40 -2.07 13.44 -5.86
CA TRP A 40 -2.90 12.39 -5.27
C TRP A 40 -2.11 11.14 -4.91
N VAL A 41 -2.24 10.72 -3.66
CA VAL A 41 -1.69 9.46 -3.16
C VAL A 41 -2.84 8.53 -2.81
N ILE A 42 -2.72 7.25 -3.19
CA ILE A 42 -3.75 6.27 -2.88
C ILE A 42 -3.21 5.30 -1.82
N SER A 43 -4.07 4.94 -0.87
CA SER A 43 -3.66 4.13 0.29
C SER A 43 -4.86 3.30 0.73
N ALA A 44 -4.88 2.87 1.99
CA ALA A 44 -5.94 2.03 2.55
C ALA A 44 -6.74 2.80 3.59
N THR A 45 -8.07 2.68 3.56
CA THR A 45 -8.88 3.40 4.54
C THR A 45 -8.56 2.98 5.98
N HIS A 46 -8.28 1.70 6.22
CA HIS A 46 -8.12 1.25 7.61
C HIS A 46 -6.94 1.93 8.30
N CYS A 47 -6.03 2.52 7.52
CA CYS A 47 -4.88 3.21 8.10
C CYS A 47 -5.28 4.48 8.83
N PHE A 48 -6.43 5.04 8.48
CA PHE A 48 -6.82 6.36 8.93
C PHE A 48 -8.09 6.37 9.76
N ILE A 49 -8.83 5.27 9.80
CA ILE A 49 -10.20 5.33 10.31
C ILE A 49 -10.23 5.64 11.81
N ASP A 50 -9.16 5.32 12.56
CA ASP A 50 -9.11 5.65 13.98
C ASP A 50 -8.90 7.16 14.20
N TYR A 51 -8.14 7.81 13.33
CA TYR A 51 -7.77 9.21 13.45
C TYR A 51 -8.06 9.90 12.12
N PRO A 52 -9.32 10.15 11.80
CA PRO A 52 -9.67 10.54 10.43
C PRO A 52 -9.54 12.03 10.13
N LYS A 53 -8.72 12.73 10.91
CA LYS A 53 -8.54 14.17 10.75
C LYS A 53 -7.29 14.42 9.92
N LYS A 54 -7.47 15.01 8.73
CA LYS A 54 -6.38 15.15 7.77
C LYS A 54 -5.22 15.97 8.32
N GLU A 55 -5.49 16.91 9.22
CA GLU A 55 -4.42 17.77 9.73
C GLU A 55 -3.38 17.00 10.52
N ASP A 56 -3.69 15.76 10.94
CA ASP A 56 -2.76 14.96 11.73
C ASP A 56 -1.64 14.34 10.90
N TYR A 57 -1.74 14.37 9.57
CA TYR A 57 -0.89 13.50 8.75
C TYR A 57 0.15 14.27 7.95
N ILE A 58 1.27 13.59 7.71
CA ILE A 58 2.37 14.06 6.90
C ILE A 58 2.68 12.98 5.88
N VAL A 59 2.88 13.38 4.63
CA VAL A 59 3.22 12.46 3.55
C VAL A 59 4.58 12.84 3.01
N TYR A 60 5.46 11.85 2.88
CA TYR A 60 6.74 12.04 2.22
C TYR A 60 6.75 11.29 0.90
N LEU A 61 7.32 11.91 -0.12
CA LEU A 61 7.70 11.23 -1.35
C LEU A 61 9.22 11.27 -1.48
N GLY A 62 9.77 10.33 -2.23
CA GLY A 62 11.21 10.27 -2.43
C GLY A 62 12.00 9.88 -1.19
N ARG A 63 11.40 9.13 -0.28
CA ARG A 63 11.99 8.79 1.01
C ARG A 63 12.31 7.30 1.05
N SER A 64 13.58 6.98 1.35
CA SER A 64 14.09 5.61 1.40
C SER A 64 14.29 5.09 2.81
N ARG A 65 14.27 5.96 3.82
CA ARG A 65 14.51 5.55 5.19
C ARG A 65 13.39 6.05 6.08
N LEU A 66 13.13 5.28 7.14
CA LEU A 66 11.94 5.55 7.96
C LEU A 66 12.13 6.79 8.82
N ASN A 67 13.29 6.94 9.44
CA ASN A 67 13.49 8.02 10.40
C ASN A 67 14.64 8.94 10.03
N SER A 68 15.13 8.85 8.79
CA SER A 68 16.19 9.71 8.30
C SER A 68 15.71 10.40 7.02
N ASN A 69 16.16 11.63 6.82
CA ASN A 69 15.79 12.34 5.61
C ASN A 69 16.62 11.80 4.45
N THR A 70 15.95 11.56 3.33
CA THR A 70 16.58 11.10 2.10
C THR A 70 16.80 12.30 1.19
N GLN A 71 18.00 12.41 0.62
CA GLN A 71 18.28 13.50 -0.30
C GLN A 71 17.25 13.51 -1.43
N GLY A 72 16.64 14.68 -1.66
CA GLY A 72 15.66 14.83 -2.71
C GLY A 72 14.22 14.58 -2.30
N GLU A 73 13.97 14.22 -1.05
CA GLU A 73 12.60 13.92 -0.64
C GLU A 73 11.75 15.19 -0.59
N MET A 74 10.43 15.00 -0.65
CA MET A 74 9.48 16.09 -0.53
C MET A 74 8.47 15.75 0.55
N LYS A 75 8.04 16.76 1.30
CA LYS A 75 7.18 16.59 2.46
C LYS A 75 5.88 17.35 2.23
N PHE A 76 4.74 16.72 2.54
CA PHE A 76 3.45 17.31 2.22
C PHE A 76 2.49 17.26 3.40
N GLU A 77 1.60 18.25 3.45
CA GLU A 77 0.37 18.19 4.23
C GLU A 77 -0.72 17.49 3.44
N VAL A 78 -1.78 17.08 4.14
CA VAL A 78 -2.89 16.40 3.51
C VAL A 78 -4.04 17.40 3.34
N GLU A 79 -4.26 17.82 2.10
CA GLU A 79 -5.29 18.82 1.82
C GLU A 79 -6.69 18.21 1.89
N ASN A 80 -6.85 16.97 1.44
CA ASN A 80 -8.08 16.21 1.53
C ASN A 80 -7.76 14.78 1.92
N LEU A 81 -8.56 14.21 2.82
CA LEU A 81 -8.44 12.81 3.18
C LEU A 81 -9.77 12.15 2.86
N ILE A 82 -9.79 11.29 1.83
CA ILE A 82 -11.01 10.72 1.30
C ILE A 82 -11.02 9.22 1.61
N LEU A 83 -11.93 8.81 2.49
CA LEU A 83 -12.08 7.41 2.87
C LEU A 83 -13.28 6.82 2.16
N HIS A 84 -13.26 5.51 1.94
CA HIS A 84 -14.34 4.90 1.18
C HIS A 84 -15.58 4.77 2.05
N LYS A 85 -16.70 5.33 1.59
CA LYS A 85 -17.88 5.38 2.43
C LYS A 85 -18.46 3.99 2.72
N ASP A 86 -18.10 2.97 1.93
CA ASP A 86 -18.58 1.62 2.17
C ASP A 86 -17.54 0.75 2.88
N TYR A 87 -16.53 1.35 3.49
CA TYR A 87 -15.59 0.61 4.30
C TYR A 87 -16.31 -0.17 5.41
N SER A 88 -15.79 -1.36 5.71
CA SER A 88 -16.22 -2.13 6.87
C SER A 88 -15.10 -3.10 7.24
N ALA A 89 -15.16 -3.61 8.47
CA ALA A 89 -14.19 -4.61 8.92
C ALA A 89 -14.83 -5.63 9.85
N ASP A 90 -14.39 -6.89 9.75
CA ASP A 90 -14.67 -7.94 10.74
C ASP A 90 -13.38 -8.21 11.53
N THR A 91 -13.30 -9.39 12.17
CA THR A 91 -12.12 -9.72 12.96
C THR A 91 -10.86 -9.74 12.11
N LEU A 92 -10.99 -10.00 10.81
CA LEU A 92 -9.83 -10.13 9.95
C LEU A 92 -9.93 -9.27 8.70
N ALA A 93 -10.98 -9.45 7.90
CA ALA A 93 -11.04 -8.81 6.59
C ALA A 93 -11.50 -7.36 6.66
N HIS A 94 -10.91 -6.54 5.80
CA HIS A 94 -11.36 -5.17 5.58
C HIS A 94 -11.97 -5.08 4.18
N HIS A 95 -13.16 -4.49 4.08
CA HIS A 95 -13.84 -4.33 2.81
C HIS A 95 -13.77 -2.89 2.33
N ASN A 96 -13.63 -2.71 1.02
CA ASN A 96 -13.52 -1.38 0.41
C ASN A 96 -12.40 -0.58 1.08
N ASP A 97 -11.24 -1.23 1.21
CA ASP A 97 -10.12 -0.67 1.97
C ASP A 97 -9.24 0.15 1.04
N ILE A 98 -9.71 1.35 0.75
CA ILE A 98 -9.08 2.23 -0.23
C ILE A 98 -9.31 3.67 0.20
N ALA A 99 -8.30 4.49 0.03
CA ALA A 99 -8.36 5.87 0.50
C ALA A 99 -7.53 6.74 -0.43
N LEU A 100 -7.92 8.01 -0.55
CA LEU A 100 -7.19 8.98 -1.36
C LEU A 100 -6.74 10.14 -0.48
N LEU A 101 -5.49 10.55 -0.67
CA LEU A 101 -4.93 11.70 0.02
C LEU A 101 -4.49 12.71 -1.04
N LYS A 102 -5.08 13.90 -1.00
CA LYS A 102 -4.58 15.00 -1.82
C LYS A 102 -3.50 15.72 -1.04
N ILE A 103 -2.29 15.81 -1.61
CA ILE A 103 -1.16 16.34 -0.89
C ILE A 103 -0.88 17.77 -1.30
N ARG A 104 -0.35 18.56 -0.36
CA ARG A 104 -0.01 19.96 -0.62
C ARG A 104 1.12 20.37 0.31
N SER A 105 2.16 20.99 -0.25
CA SER A 105 3.29 21.42 0.56
C SER A 105 2.94 22.70 1.33
N LYS A 106 3.84 23.07 2.26
CA LYS A 106 3.67 24.30 3.03
C LYS A 106 3.59 25.54 2.13
N GLU A 107 4.22 25.51 0.97
CA GLU A 107 4.10 26.58 -0.01
C GLU A 107 3.07 26.28 -1.10
N GLY A 108 2.23 25.27 -0.90
CA GLY A 108 1.07 25.10 -1.77
C GLY A 108 1.33 24.36 -3.06
N ARG A 109 2.32 23.48 -3.10
CA ARG A 109 2.66 22.78 -4.32
C ARG A 109 2.35 21.29 -4.19
N CYS A 110 2.22 20.64 -5.33
CA CYS A 110 2.07 19.20 -5.40
C CYS A 110 3.44 18.57 -5.64
N ALA A 111 3.48 17.31 -6.04
CA ALA A 111 4.76 16.64 -6.21
C ALA A 111 5.43 17.07 -7.50
N GLN A 112 6.75 17.21 -7.43
CA GLN A 112 7.58 17.45 -8.60
C GLN A 112 8.24 16.14 -8.98
N PRO A 113 7.93 15.55 -10.12
CA PRO A 113 8.56 14.28 -10.48
C PRO A 113 10.06 14.45 -10.64
N SER A 114 10.79 13.39 -10.28
CA SER A 114 12.25 13.37 -10.29
C SER A 114 12.71 11.92 -10.42
N ARG A 115 14.02 11.69 -10.26
CA ARG A 115 14.49 10.31 -10.27
C ARG A 115 13.94 9.51 -9.10
N THR A 116 13.59 10.18 -8.00
CA THR A 116 13.13 9.49 -6.81
C THR A 116 11.63 9.65 -6.58
N ILE A 117 10.93 10.38 -7.44
CA ILE A 117 9.50 10.67 -7.26
C ILE A 117 8.82 10.55 -8.62
N GLN A 118 8.00 9.51 -8.80
CA GLN A 118 7.29 9.27 -10.05
C GLN A 118 5.89 8.75 -9.74
N THR A 119 4.97 8.93 -10.69
CA THR A 119 3.64 8.34 -10.54
C THR A 119 3.64 6.91 -11.05
N ILE A 120 2.69 6.11 -10.55
CA ILE A 120 2.44 4.75 -11.02
C ILE A 120 1.12 4.73 -11.78
N ALA A 121 1.09 3.99 -12.89
CA ALA A 121 -0.10 3.92 -13.73
C ALA A 121 -1.17 3.05 -13.10
N LEU A 122 -2.42 3.42 -13.31
CA LEU A 122 -3.53 2.60 -12.87
C LEU A 122 -3.85 1.53 -13.91
N PRO A 123 -4.43 0.42 -13.49
CA PRO A 123 -4.82 -0.62 -14.45
C PRO A 123 -6.01 -0.21 -15.30
N SER A 124 -6.18 -0.92 -16.41
CA SER A 124 -7.43 -0.85 -17.15
C SER A 124 -8.53 -1.59 -16.39
N MET A 125 -9.76 -1.24 -16.70
CA MET A 125 -10.89 -1.69 -15.91
C MET A 125 -11.04 -3.20 -15.95
N TYR A 126 -11.20 -3.79 -14.76
CA TYR A 126 -11.43 -5.24 -14.61
C TYR A 126 -10.37 -6.07 -15.33
N ASN A 127 -9.15 -5.53 -15.42
CA ASN A 127 -8.04 -6.16 -16.13
C ASN A 127 -6.92 -6.43 -15.12
N ASP A 128 -6.82 -7.66 -14.67
CA ASP A 128 -5.76 -8.08 -13.77
C ASP A 128 -4.84 -9.07 -14.49
N PRO A 129 -3.61 -9.25 -13.99
CA PRO A 129 -2.77 -10.32 -14.53
C PRO A 129 -3.34 -11.69 -14.18
N GLN A 130 -2.92 -12.68 -14.96
CA GLN A 130 -3.30 -14.06 -14.68
C GLN A 130 -2.72 -14.51 -13.35
N PHE A 131 -3.37 -15.50 -12.74
CA PHE A 131 -2.82 -16.08 -11.53
C PHE A 131 -1.45 -16.69 -11.80
N GLY A 132 -0.59 -16.65 -10.79
CA GLY A 132 0.79 -17.05 -10.94
C GLY A 132 1.71 -15.97 -11.46
N THR A 133 1.18 -14.81 -11.83
CA THR A 133 2.01 -13.68 -12.22
C THR A 133 2.78 -13.18 -11.00
N SER A 134 4.06 -12.91 -11.20
CA SER A 134 4.87 -12.31 -10.16
C SER A 134 4.67 -10.81 -10.10
N CYS A 135 4.39 -10.29 -8.90
CA CYS A 135 4.24 -8.87 -8.69
C CYS A 135 5.12 -8.47 -7.50
N GLU A 136 5.38 -7.18 -7.39
CA GLU A 136 6.28 -6.63 -6.38
C GLU A 136 5.47 -5.90 -5.31
N ILE A 137 5.87 -6.05 -4.04
CA ILE A 137 5.29 -5.28 -2.94
C ILE A 137 6.42 -4.55 -2.22
N THR A 138 6.10 -3.38 -1.66
CA THR A 138 7.10 -2.47 -1.12
C THR A 138 6.59 -1.87 0.18
N GLY A 139 7.46 -1.70 1.16
CA GLY A 139 6.98 -1.08 2.40
C GLY A 139 8.03 -1.04 3.48
N PHE A 140 7.68 -0.32 4.55
CA PHE A 140 8.47 -0.19 5.78
C PHE A 140 7.95 -1.09 6.90
N GLY A 141 7.10 -2.06 6.58
CA GLY A 141 6.49 -2.89 7.60
C GLY A 141 7.48 -3.86 8.24
N LYS A 142 6.97 -4.57 9.26
CA LYS A 142 7.81 -5.44 10.06
C LYS A 142 8.51 -6.50 9.22
N GLU A 143 9.74 -6.83 9.60
CA GLU A 143 10.52 -7.89 8.97
C GLU A 143 10.24 -9.27 9.55
N GLN A 144 9.72 -9.32 10.77
CA GLN A 144 9.23 -10.55 11.38
C GLN A 144 7.98 -10.18 12.16
N SER A 145 7.01 -11.11 12.20
CA SER A 145 5.75 -10.84 12.88
C SER A 145 5.97 -10.43 14.33
N THR A 146 6.99 -11.00 14.97
CA THR A 146 7.26 -10.76 16.39
C THR A 146 8.11 -9.52 16.65
N ASP A 147 8.61 -8.85 15.60
CA ASP A 147 9.43 -7.67 15.81
C ASP A 147 8.61 -6.56 16.46
N TYR A 148 9.28 -5.76 17.30
CA TYR A 148 8.66 -4.56 17.83
C TYR A 148 9.00 -3.33 17.01
N LEU A 149 10.17 -3.33 16.38
CA LEU A 149 10.62 -2.26 15.51
C LEU A 149 10.24 -2.52 14.06
N TYR A 150 10.11 -1.43 13.30
CA TYR A 150 10.06 -1.40 11.85
C TYR A 150 11.47 -1.23 11.29
N PRO A 151 11.75 -1.76 10.11
CA PRO A 151 13.06 -1.55 9.49
C PRO A 151 13.27 -0.09 9.16
N GLU A 152 14.53 0.35 9.28
CA GLU A 152 14.86 1.73 8.93
C GLU A 152 14.94 1.93 7.43
N GLN A 153 15.25 0.87 6.68
CA GLN A 153 15.44 0.93 5.24
C GLN A 153 14.26 0.28 4.53
N LEU A 154 13.82 0.90 3.44
CA LEU A 154 12.70 0.36 2.67
C LEU A 154 13.02 -1.03 2.14
N LYS A 155 11.99 -1.87 2.05
CA LYS A 155 12.15 -3.23 1.52
C LYS A 155 11.17 -3.48 0.39
N MET A 156 11.48 -4.49 -0.42
CA MET A 156 10.53 -4.96 -1.40
C MET A 156 10.68 -6.47 -1.53
N THR A 157 9.63 -7.14 -1.99
CA THR A 157 9.72 -8.56 -2.29
C THR A 157 8.80 -8.88 -3.45
N VAL A 158 8.77 -10.16 -3.82
CA VAL A 158 7.96 -10.67 -4.92
C VAL A 158 6.98 -11.68 -4.36
N VAL A 159 5.71 -11.57 -4.76
CA VAL A 159 4.70 -12.57 -4.45
C VAL A 159 4.00 -12.91 -5.75
N LYS A 160 3.33 -14.06 -5.77
CA LYS A 160 2.59 -14.49 -6.95
C LYS A 160 1.09 -14.40 -6.72
N LEU A 161 0.37 -13.91 -7.72
CA LEU A 161 -1.08 -13.77 -7.61
C LEU A 161 -1.72 -15.15 -7.50
N ILE A 162 -2.70 -15.26 -6.61
CA ILE A 162 -3.45 -16.49 -6.37
C ILE A 162 -4.87 -16.30 -6.91
N SER A 163 -5.39 -17.35 -7.56
CA SER A 163 -6.75 -17.28 -8.09
C SER A 163 -7.77 -17.11 -6.97
N HIS A 164 -8.89 -16.44 -7.30
CA HIS A 164 -9.95 -16.29 -6.31
C HIS A 164 -10.46 -17.64 -5.82
N ARG A 165 -10.53 -18.63 -6.71
CA ARG A 165 -10.99 -19.96 -6.31
C ARG A 165 -10.09 -20.52 -5.21
N GLU A 166 -8.77 -20.42 -5.39
CA GLU A 166 -7.85 -20.95 -4.40
C GLU A 166 -7.95 -20.18 -3.09
N CYS A 167 -8.09 -18.85 -3.15
CA CYS A 167 -8.03 -18.08 -1.91
C CYS A 167 -9.29 -18.22 -1.06
N GLN A 168 -10.43 -18.57 -1.66
CA GLN A 168 -11.65 -18.72 -0.87
C GLN A 168 -11.85 -20.14 -0.36
N GLN A 169 -10.85 -21.01 -0.52
CA GLN A 169 -10.90 -22.32 0.11
C GLN A 169 -10.97 -22.15 1.63
N PRO A 170 -11.66 -23.08 2.32
CA PRO A 170 -11.85 -22.92 3.77
C PRO A 170 -10.55 -22.82 4.56
N HIS A 171 -9.51 -23.57 4.20
CA HIS A 171 -8.28 -23.49 4.97
C HIS A 171 -7.40 -22.31 4.55
N TYR A 172 -7.83 -21.55 3.54
CA TYR A 172 -7.27 -20.23 3.28
C TYR A 172 -8.15 -19.21 4.00
N TYR A 173 -8.95 -18.44 3.26
CA TYR A 173 -9.75 -17.38 3.85
C TYR A 173 -11.26 -17.52 3.67
N GLY A 174 -11.74 -18.52 2.95
CA GLY A 174 -13.20 -18.66 2.82
C GLY A 174 -13.80 -17.46 2.14
N SER A 175 -14.97 -17.04 2.62
CA SER A 175 -15.65 -15.91 2.00
C SER A 175 -15.15 -14.56 2.50
N GLU A 176 -14.17 -14.52 3.41
CA GLU A 176 -13.61 -13.23 3.79
C GLU A 176 -13.01 -12.52 2.60
N VAL A 177 -12.58 -13.28 1.59
CA VAL A 177 -12.05 -12.70 0.36
C VAL A 177 -13.20 -12.54 -0.63
N THR A 178 -13.34 -11.34 -1.16
CA THR A 178 -14.38 -10.97 -2.12
C THR A 178 -13.76 -10.72 -3.49
N THR A 179 -14.62 -10.51 -4.49
CA THR A 179 -14.12 -10.23 -5.82
C THR A 179 -13.48 -8.84 -5.92
N LYS A 180 -13.63 -7.99 -4.91
CA LYS A 180 -12.93 -6.72 -4.87
C LYS A 180 -11.59 -6.82 -4.15
N MET A 181 -11.14 -8.04 -3.86
CA MET A 181 -9.84 -8.30 -3.28
C MET A 181 -9.03 -9.22 -4.18
N LEU A 182 -7.70 -9.16 -4.03
CA LEU A 182 -6.78 -10.10 -4.67
C LEU A 182 -5.88 -10.71 -3.60
N CYS A 183 -5.52 -11.98 -3.78
CA CYS A 183 -4.59 -12.64 -2.88
C CYS A 183 -3.28 -12.89 -3.61
N ALA A 184 -2.19 -12.84 -2.85
CA ALA A 184 -0.88 -13.08 -3.42
C ALA A 184 0.02 -13.63 -2.32
N ALA A 185 0.90 -14.55 -2.68
CA ALA A 185 1.75 -15.19 -1.69
C ALA A 185 2.95 -15.80 -2.37
N ASP A 186 3.90 -16.21 -1.55
CA ASP A 186 5.07 -16.96 -2.00
C ASP A 186 4.75 -18.45 -2.01
N PRO A 187 5.23 -19.19 -3.03
CA PRO A 187 4.97 -20.64 -3.06
C PRO A 187 5.44 -21.38 -1.82
N GLN A 188 6.47 -20.90 -1.14
CA GLN A 188 6.93 -21.49 0.11
C GLN A 188 6.45 -20.72 1.33
N TRP A 189 5.61 -19.70 1.15
CA TRP A 189 5.08 -18.87 2.24
C TRP A 189 6.19 -18.15 3.00
N LYS A 190 7.33 -17.93 2.36
CA LYS A 190 8.51 -17.45 3.07
C LYS A 190 8.70 -15.94 2.99
N THR A 191 7.90 -15.23 2.20
CA THR A 191 8.02 -13.79 2.05
C THR A 191 6.61 -13.23 1.87
N ASP A 192 6.37 -12.02 2.39
CA ASP A 192 4.99 -11.55 2.54
C ASP A 192 5.00 -10.10 3.00
N SER A 193 3.85 -9.45 2.87
CA SER A 193 3.58 -8.19 3.55
C SER A 193 3.27 -8.43 5.04
N CYS A 194 3.40 -7.38 5.85
CA CYS A 194 3.17 -7.52 7.29
C CYS A 194 2.65 -6.20 7.85
N GLN A 195 2.49 -6.14 9.17
CA GLN A 195 2.05 -4.92 9.83
C GLN A 195 2.97 -3.75 9.47
N GLY A 196 2.36 -2.62 9.10
CA GLY A 196 3.08 -1.46 8.63
C GLY A 196 3.26 -1.37 7.13
N ASP A 197 2.99 -2.46 6.41
CA ASP A 197 3.02 -2.43 4.96
C ASP A 197 1.68 -2.02 4.38
N SER A 198 0.64 -1.96 5.22
CA SER A 198 -0.71 -1.61 4.77
C SER A 198 -0.68 -0.33 3.96
N GLY A 199 -1.53 -0.25 2.94
CA GLY A 199 -1.62 0.93 2.13
C GLY A 199 -0.65 0.98 0.97
N GLY A 200 0.40 0.18 1.01
CA GLY A 200 1.44 0.25 -0.01
C GLY A 200 1.05 -0.50 -1.26
N PRO A 201 1.91 -0.40 -2.28
CA PRO A 201 1.59 -0.92 -3.61
C PRO A 201 1.90 -2.39 -3.82
N LEU A 202 1.01 -3.04 -4.57
CA LEU A 202 1.30 -4.32 -5.24
C LEU A 202 1.35 -3.99 -6.72
N VAL A 203 2.53 -4.15 -7.34
CA VAL A 203 2.77 -3.67 -8.70
C VAL A 203 3.04 -4.85 -9.61
N CYS A 204 2.34 -4.90 -10.75
CA CYS A 204 2.56 -5.96 -11.72
C CYS A 204 2.80 -5.34 -13.09
N SER A 205 3.46 -6.11 -13.96
CA SER A 205 3.65 -5.69 -15.34
C SER A 205 2.39 -6.06 -16.12
N LEU A 206 1.76 -5.05 -16.71
CA LEU A 206 0.50 -5.22 -17.42
C LEU A 206 0.53 -4.35 -18.68
N GLN A 207 0.34 -4.98 -19.83
CA GLN A 207 0.42 -4.30 -21.12
C GLN A 207 1.75 -3.57 -21.27
N GLY A 208 2.81 -4.25 -20.81
CA GLY A 208 4.16 -3.73 -20.96
C GLY A 208 4.56 -2.64 -19.98
N ARG A 209 3.73 -2.34 -18.98
CA ARG A 209 4.04 -1.24 -18.06
C ARG A 209 3.79 -1.68 -16.62
N MET A 210 4.57 -1.12 -15.69
CA MET A 210 4.32 -1.34 -14.28
C MET A 210 3.00 -0.68 -13.91
N THR A 211 2.15 -1.43 -13.22
CA THR A 211 0.77 -1.02 -12.97
C THR A 211 0.38 -1.30 -11.51
N LEU A 212 -0.34 -0.36 -10.90
CA LEU A 212 -0.80 -0.53 -9.52
C LEU A 212 -1.96 -1.52 -9.51
N THR A 213 -1.68 -2.78 -9.23
CA THR A 213 -2.70 -3.83 -9.27
C THR A 213 -3.41 -3.99 -7.95
N GLY A 214 -2.73 -3.74 -6.84
CA GLY A 214 -3.31 -3.95 -5.53
C GLY A 214 -2.78 -2.97 -4.52
N ILE A 215 -3.52 -2.86 -3.41
CA ILE A 215 -3.13 -2.08 -2.24
C ILE A 215 -3.10 -3.01 -1.04
N VAL A 216 -1.96 -3.04 -0.32
CA VAL A 216 -1.84 -3.93 0.84
C VAL A 216 -2.97 -3.64 1.82
N SER A 217 -3.73 -4.68 2.18
CA SER A 217 -4.92 -4.47 3.01
C SER A 217 -4.93 -5.32 4.28
N TRP A 218 -4.83 -6.65 4.20
CA TRP A 218 -4.92 -7.45 5.41
C TRP A 218 -4.39 -8.86 5.19
N GLY A 219 -4.25 -9.58 6.29
CA GLY A 219 -3.91 -10.99 6.25
C GLY A 219 -3.88 -11.54 7.66
N ARG A 220 -3.95 -12.86 7.76
CA ARG A 220 -3.81 -13.53 9.04
C ARG A 220 -2.33 -13.79 9.25
N GLY A 221 -1.75 -13.19 10.28
CA GLY A 221 -0.32 -13.27 10.49
C GLY A 221 0.42 -12.71 9.28
N CYS A 222 1.66 -13.18 9.12
CA CYS A 222 2.52 -12.78 8.02
C CYS A 222 3.36 -13.98 7.64
N ALA A 223 3.48 -14.27 6.34
CA ALA A 223 4.28 -15.40 5.85
C ALA A 223 3.91 -16.69 6.57
N LEU A 224 2.61 -16.89 6.77
CA LEU A 224 2.04 -18.09 7.37
C LEU A 224 1.47 -19.00 6.29
N LYS A 225 1.72 -20.30 6.42
CA LYS A 225 1.21 -21.27 5.46
C LYS A 225 -0.31 -21.14 5.31
N ASP A 226 -0.76 -21.14 4.06
CA ASP A 226 -2.17 -21.06 3.66
C ASP A 226 -2.84 -19.73 4.03
N LYS A 227 -2.06 -18.70 4.39
CA LYS A 227 -2.61 -17.38 4.71
C LYS A 227 -1.94 -16.34 3.83
N PRO A 228 -2.44 -16.17 2.60
CA PRO A 228 -1.85 -15.18 1.69
C PRO A 228 -2.03 -13.75 2.21
N GLY A 229 -1.26 -12.84 1.61
CA GLY A 229 -1.60 -11.44 1.73
C GLY A 229 -2.85 -11.13 0.91
N VAL A 230 -3.67 -10.22 1.42
CA VAL A 230 -4.89 -9.81 0.72
C VAL A 230 -4.80 -8.32 0.41
N TYR A 231 -5.19 -7.97 -0.82
CA TYR A 231 -4.96 -6.67 -1.41
C TYR A 231 -6.27 -6.14 -1.98
N THR A 232 -6.49 -4.84 -1.84
CA THR A 232 -7.62 -4.20 -2.50
C THR A 232 -7.40 -4.24 -4.00
N ARG A 233 -8.43 -4.67 -4.74
CA ARG A 233 -8.29 -4.94 -6.17
C ARG A 233 -8.55 -3.63 -6.93
N VAL A 234 -7.47 -2.93 -7.28
CA VAL A 234 -7.57 -1.56 -7.77
C VAL A 234 -8.42 -1.49 -9.04
N SER A 235 -8.35 -2.53 -9.89
CA SER A 235 -9.08 -2.51 -11.15
C SER A 235 -10.59 -2.55 -10.97
N HIS A 236 -11.09 -2.77 -9.76
CA HIS A 236 -12.52 -2.75 -9.48
C HIS A 236 -12.97 -1.45 -8.83
N PHE A 237 -12.08 -0.47 -8.70
CA PHE A 237 -12.39 0.78 -8.02
C PHE A 237 -12.12 1.99 -8.91
N LEU A 238 -11.96 1.78 -10.22
CA LEU A 238 -11.59 2.92 -11.08
C LEU A 238 -12.64 4.02 -11.09
N PRO A 239 -13.95 3.75 -11.14
CA PRO A 239 -14.90 4.86 -11.07
C PRO A 239 -14.79 5.65 -9.77
N TRP A 240 -14.62 4.96 -8.64
CA TRP A 240 -14.43 5.67 -7.37
C TRP A 240 -13.16 6.53 -7.42
N ILE A 241 -12.05 5.99 -7.96
CA ILE A 241 -10.81 6.75 -8.00
C ILE A 241 -10.96 7.97 -8.90
N ARG A 242 -11.51 7.77 -10.10
CA ARG A 242 -11.68 8.89 -11.03
C ARG A 242 -12.63 9.93 -10.47
N SER A 243 -13.69 9.48 -9.79
CA SER A 243 -14.69 10.42 -9.29
C SER A 243 -14.15 11.25 -8.14
N HIS A 244 -13.29 10.70 -7.28
CA HIS A 244 -12.79 11.48 -6.16
C HIS A 244 -11.48 12.20 -6.46
N THR A 245 -10.93 12.02 -7.67
CA THR A 245 -9.76 12.78 -8.07
C THR A 245 -10.10 13.69 -9.24
C1 9XF B . -0.09 -8.49 13.11
N1 9XF B . -0.62 -8.26 8.61
C2 9XF B . -0.02 -8.32 14.49
N2 9XF B . -1.45 -5.65 8.49
O2 9XF B . -0.78 -7.93 5.11
C3 9XF B . 0.41 -9.42 15.25
N3 9XF B . -1.61 -5.81 6.17
C4 9XF B . 0.73 -10.62 14.62
C5 9XF B . 0.64 -10.76 13.24
C6 9XF B . 0.22 -9.66 12.49
C7 9XF B . 0.02 -9.50 11.08
C8 9XF B . -0.41 -8.16 10.94
C9 9XF B . -0.73 -7.54 9.74
C10 9XF B . -0.90 -7.69 7.42
C11 9XF B . -1.32 -6.38 7.37
C12 9XF B . -1.15 -6.22 9.69
C13 9XF B . -0.75 -8.52 6.18
C14 9XF B . -0.15 -10.70 5.43
N4 9XF B . -0.60 -9.84 6.34
N6 9XF B . -0.09 -11.92 5.71
N5 9XF B . 0.22 -10.31 4.20
N7 9XF B . -1.28 -5.49 10.82
O1 9XF B . -0.46 -7.60 12.21
S SO4 C . -1.27 -1.81 9.78
O1 SO4 C . -0.44 -0.98 10.66
O2 SO4 C . -1.90 -2.88 10.54
O3 SO4 C . -0.46 -2.38 8.69
O4 SO4 C . -2.32 -0.94 9.25
#